data_8W1L
#
_entry.id   8W1L
#
_cell.length_a   81.020
_cell.length_b   81.020
_cell.length_c   146.060
_cell.angle_alpha   90.000
_cell.angle_beta   90.000
_cell.angle_gamma   120.000
#
_symmetry.space_group_name_H-M   'H 3'
#
loop_
_entity.id
_entity.type
_entity.pdbx_description
1 polymer 'Macrophage colony-stimulating factor 1 receptor,CSF1R'
2 non-polymer [3-({3-methoxy-4-[(6-methoxypyridin-3-yl)methoxy]phenyl}methyl)-3H-imidazo[4,5-b]pyridin-6-yl](2-oxa-6-azaspiro[3.3]heptan-6-yl)methanone
3 non-polymer GLYCEROL
4 non-polymer 'SULFATE ION'
5 water water
#
_entity_poly.entity_id   1
_entity_poly.type   'polypeptide(L)'
_entity_poly.pdbx_seq_one_letter_code
;GYKYKQKPKYQVRWKIIESYEGNSYTFIDPTQLPYNEKWEFPRNNLQFGKTLGAGAFGKVVEATAFGLGKEDAVLKVAVK
MLKSTAHADEKEALMSELKIMSHLGQHENIVNLLGACTHGGPVLVITEYCCYGDLLNFLRRKRPPGLEYSYNPSHNPEEQ
LSSRDLLHFSSQVAQGMAFLASKNCIHRDVAARNVLLTNGHVAKIGDFGLARDIMNDSNYIVKGNARLPVKWMAPESIFD
CVYTVQSDVWSYGILLWEIFSLGLNPYPGILVNSKFYKLVKDGYQMAQPAFAPKNIYSIMQACWALEPTHRPTFQQICSF
LQEQAQEDRRERD
;
_entity_poly.pdbx_strand_id   A
#
loop_
_chem_comp.id
_chem_comp.type
_chem_comp.name
_chem_comp.formula
A1AE3 non-polymer [3-({3-methoxy-4-[(6-methoxypyridin-3-yl)methoxy]phenyl}methyl)-3H-imidazo[4,5-b]pyridin-6-yl](2-oxa-6-azaspiro[3.3]heptan-6-yl)methanone 'C27 H27 N5 O5'
GOL non-polymer GLYCEROL 'C3 H8 O3'
SO4 non-polymer 'SULFATE ION' 'O4 S -2'
#
# COMPACT_ATOMS: atom_id res chain seq x y z
N PHE A 27 8.22 0.67 -19.63
CA PHE A 27 8.79 0.44 -20.96
C PHE A 27 8.27 1.44 -21.99
N ILE A 28 7.02 1.24 -22.44
CA ILE A 28 6.46 2.04 -23.53
C ILE A 28 5.74 3.30 -23.06
N ASP A 29 5.40 3.43 -21.77
CA ASP A 29 4.58 4.54 -21.28
C ASP A 29 5.24 5.23 -20.09
N PRO A 30 5.44 6.58 -20.14
CA PRO A 30 5.88 7.32 -18.94
C PRO A 30 4.71 7.75 -18.07
N THR A 31 4.95 8.56 -17.05
CA THR A 31 3.87 9.05 -16.19
C THR A 31 3.49 10.49 -16.57
N GLN A 32 2.81 10.60 -17.71
CA GLN A 32 2.32 11.89 -18.16
C GLN A 32 0.94 11.83 -18.81
N LEU A 33 0.30 10.65 -18.87
CA LEU A 33 -0.97 10.52 -19.58
C LEU A 33 -2.11 11.25 -18.86
N PRO A 34 -3.07 11.78 -19.61
CA PRO A 34 -4.25 12.37 -18.95
C PRO A 34 -5.25 11.30 -18.52
N TYR A 35 -6.42 11.73 -18.06
CA TYR A 35 -7.40 10.83 -17.45
C TYR A 35 -8.37 10.28 -18.48
N ASN A 36 -8.77 9.02 -18.31
CA ASN A 36 -9.67 8.34 -19.25
C ASN A 36 -11.12 8.53 -18.81
N GLU A 37 -11.92 9.23 -19.64
CA GLU A 37 -13.30 9.52 -19.25
C GLU A 37 -14.16 8.27 -19.11
N LYS A 38 -13.72 7.11 -19.60
CA LYS A 38 -14.47 5.87 -19.45
C LYS A 38 -14.77 5.53 -17.99
N TRP A 39 -14.01 6.08 -17.05
CA TRP A 39 -14.24 5.85 -15.63
C TRP A 39 -15.38 6.66 -15.03
N GLU A 40 -15.93 7.63 -15.76
CA GLU A 40 -16.80 8.63 -15.15
C GLU A 40 -18.11 7.98 -14.69
N PHE A 41 -18.53 8.32 -13.48
CA PHE A 41 -19.72 7.80 -12.83
C PHE A 41 -20.53 8.98 -12.30
N PRO A 42 -21.85 8.96 -12.41
CA PRO A 42 -22.63 10.13 -11.95
C PRO A 42 -22.66 10.24 -10.42
N ARG A 43 -22.17 11.39 -9.93
CA ARG A 43 -21.99 11.55 -8.49
C ARG A 43 -23.30 11.45 -7.73
N ASN A 44 -24.44 11.63 -8.41
CA ASN A 44 -25.76 11.56 -7.79
C ASN A 44 -26.24 10.14 -7.53
N ASN A 45 -25.51 9.14 -8.04
CA ASN A 45 -25.80 7.77 -7.70
C ASN A 45 -24.90 7.25 -6.59
N LEU A 46 -24.34 8.15 -5.79
CA LEU A 46 -23.51 7.76 -4.65
C LEU A 46 -24.22 8.17 -3.36
N GLN A 47 -24.35 7.23 -2.42
CA GLN A 47 -24.88 7.50 -1.08
C GLN A 47 -23.75 7.28 -0.08
N PHE A 48 -23.28 8.37 0.52
CA PHE A 48 -22.15 8.31 1.43
C PHE A 48 -22.56 7.72 2.77
N GLY A 49 -21.69 6.89 3.34
CA GLY A 49 -21.87 6.35 4.68
C GLY A 49 -20.81 6.81 5.65
N LYS A 50 -20.33 5.91 6.51
CA LYS A 50 -19.35 6.30 7.53
C LYS A 50 -18.01 6.65 6.89
N THR A 51 -17.28 7.56 7.55
CA THR A 51 -15.87 7.78 7.22
C THR A 51 -15.03 6.60 7.66
N LEU A 52 -14.02 6.28 6.85
CA LEU A 52 -13.12 5.17 7.10
C LEU A 52 -11.71 5.60 7.49
N GLY A 53 -11.33 6.85 7.24
CA GLY A 53 -10.02 7.35 7.59
C GLY A 53 -9.80 8.70 6.95
N ALA A 54 -8.97 9.54 7.54
CA ALA A 54 -8.76 10.89 7.02
C ALA A 54 -7.31 11.34 7.25
N GLY A 55 -6.85 12.23 6.38
CA GLY A 55 -5.53 12.85 6.46
C GLY A 55 -5.65 14.35 6.69
N ALA A 56 -4.65 15.14 6.28
CA ALA A 56 -4.76 16.59 6.44
C ALA A 56 -5.63 17.24 5.37
N PHE A 57 -5.68 16.65 4.18
CA PHE A 57 -6.45 17.21 3.09
C PHE A 57 -7.38 16.21 2.44
N GLY A 58 -7.37 14.95 2.88
CA GLY A 58 -8.24 13.96 2.28
C GLY A 58 -8.86 13.06 3.33
N LYS A 59 -9.93 12.39 2.89
CA LYS A 59 -10.66 11.40 3.67
C LYS A 59 -11.13 10.29 2.75
N VAL A 60 -11.45 9.15 3.36
CA VAL A 60 -12.03 8.00 2.67
C VAL A 60 -13.34 7.67 3.37
N VAL A 61 -14.42 7.59 2.59
CA VAL A 61 -15.75 7.38 3.15
C VAL A 61 -16.32 6.11 2.55
N GLU A 62 -17.02 5.35 3.39
CA GLU A 62 -17.86 4.29 2.87
C GLU A 62 -18.99 4.91 2.06
N ALA A 63 -19.49 4.16 1.10
CA ALA A 63 -20.61 4.69 0.34
C ALA A 63 -21.23 3.54 -0.43
N THR A 64 -22.42 3.79 -0.91
CA THR A 64 -23.11 2.87 -1.80
C THR A 64 -23.18 3.51 -3.19
N ALA A 65 -22.74 2.76 -4.20
CA ALA A 65 -22.90 3.18 -5.58
C ALA A 65 -24.14 2.51 -6.14
N PHE A 66 -24.98 3.29 -6.81
CA PHE A 66 -26.27 2.84 -7.32
C PHE A 66 -26.17 2.77 -8.83
N GLY A 67 -25.85 1.57 -9.33
CA GLY A 67 -25.82 1.32 -10.76
C GLY A 67 -24.43 1.43 -11.36
N LEU A 68 -23.46 0.81 -10.72
CA LEU A 68 -22.05 0.95 -11.09
C LEU A 68 -21.61 -0.22 -11.96
N GLY A 69 -20.94 0.09 -13.07
CA GLY A 69 -20.42 -0.94 -13.95
C GLY A 69 -21.48 -1.47 -14.90
N LYS A 70 -21.13 -2.58 -15.56
CA LYS A 70 -22.05 -3.21 -16.49
C LYS A 70 -23.14 -4.00 -15.78
N GLU A 71 -22.84 -4.54 -14.60
CA GLU A 71 -23.76 -5.43 -13.88
C GLU A 71 -24.82 -4.68 -13.07
N ASP A 72 -24.83 -3.35 -13.11
CA ASP A 72 -25.83 -2.51 -12.44
C ASP A 72 -25.89 -2.80 -10.94
N ALA A 73 -24.77 -3.20 -10.37
CA ALA A 73 -24.75 -3.57 -8.97
C ALA A 73 -25.03 -2.36 -8.10
N VAL A 74 -25.54 -2.62 -6.90
CA VAL A 74 -25.59 -1.61 -5.86
C VAL A 74 -24.55 -2.02 -4.83
N LEU A 75 -23.31 -1.56 -4.99
CA LEU A 75 -22.17 -2.08 -4.23
C LEU A 75 -21.78 -1.10 -3.13
N LYS A 76 -21.42 -1.65 -1.98
CA LYS A 76 -20.65 -0.88 -1.01
C LYS A 76 -19.29 -0.56 -1.60
N VAL A 77 -18.87 0.69 -1.50
CA VAL A 77 -17.59 1.12 -2.06
C VAL A 77 -16.94 2.06 -1.07
N ALA A 78 -15.70 2.44 -1.38
CA ALA A 78 -14.99 3.48 -0.66
C ALA A 78 -14.75 4.62 -1.63
N VAL A 79 -14.90 5.85 -1.16
CA VAL A 79 -14.71 7.04 -1.99
C VAL A 79 -13.62 7.85 -1.33
N LYS A 80 -12.57 8.16 -2.10
CA LYS A 80 -11.51 9.07 -1.69
C LYS A 80 -11.84 10.46 -2.25
N MET A 81 -11.68 11.50 -1.41
CA MET A 81 -12.04 12.88 -1.76
C MET A 81 -11.26 13.86 -0.88
N LEU A 82 -11.11 15.09 -1.37
CA LEU A 82 -10.45 16.15 -0.60
C LEU A 82 -11.39 16.72 0.46
N LYS A 83 -10.79 17.25 1.53
CA LYS A 83 -11.55 17.72 2.68
C LYS A 83 -11.96 19.16 2.49
N SER A 84 -12.65 19.70 3.50
CA SER A 84 -13.13 21.07 3.41
C SER A 84 -12.00 22.04 3.04
N THR A 85 -10.81 21.78 3.55
CA THR A 85 -9.70 22.73 3.55
C THR A 85 -8.53 22.20 2.72
N ALA A 86 -8.52 22.55 1.44
CA ALA A 86 -7.41 22.22 0.55
C ALA A 86 -7.63 22.96 -0.75
N HIS A 87 -6.59 23.00 -1.57
CA HIS A 87 -6.67 23.62 -2.90
C HIS A 87 -5.37 23.31 -3.62
N ALA A 88 -5.23 23.90 -4.81
CA ALA A 88 -3.96 23.94 -5.55
C ALA A 88 -3.41 22.52 -5.67
N ASP A 89 -2.17 22.25 -5.27
CA ASP A 89 -1.56 20.97 -5.57
C ASP A 89 -2.37 19.80 -5.03
N GLU A 90 -3.10 20.02 -3.93
CA GLU A 90 -3.91 18.95 -3.37
C GLU A 90 -4.91 18.42 -4.39
N LYS A 91 -5.67 19.31 -5.02
CA LYS A 91 -6.54 18.88 -6.11
C LYS A 91 -5.74 18.11 -7.15
N GLU A 92 -4.55 18.62 -7.51
CA GLU A 92 -3.71 17.94 -8.48
C GLU A 92 -3.28 16.56 -7.98
N ALA A 93 -2.92 16.46 -6.70
CA ALA A 93 -2.43 15.19 -6.18
C ALA A 93 -3.51 14.11 -6.20
N LEU A 94 -4.74 14.49 -5.86
CA LEU A 94 -5.82 13.53 -6.00
C LEU A 94 -6.00 13.14 -7.46
N MET A 95 -6.03 14.14 -8.35
CA MET A 95 -6.08 13.86 -9.79
C MET A 95 -5.00 12.89 -10.19
N SER A 96 -3.77 13.14 -9.71
CA SER A 96 -2.65 12.28 -10.07
C SER A 96 -2.82 10.88 -9.50
N GLU A 97 -3.32 10.76 -8.26
CA GLU A 97 -3.71 9.47 -7.73
C GLU A 97 -4.70 8.79 -8.69
N LEU A 98 -5.75 9.51 -9.09
CA LEU A 98 -6.77 8.90 -9.94
C LEU A 98 -6.17 8.45 -11.26
N LYS A 99 -5.35 9.31 -11.89
CA LYS A 99 -4.79 8.95 -13.19
C LYS A 99 -3.87 7.74 -13.04
N ILE A 100 -3.08 7.71 -11.97
CA ILE A 100 -2.22 6.56 -11.73
C ILE A 100 -3.06 5.27 -11.63
N MET A 101 -4.18 5.31 -10.90
CA MET A 101 -4.95 4.08 -10.75
C MET A 101 -5.71 3.71 -12.02
N SER A 102 -6.14 4.71 -12.82
CA SER A 102 -6.83 4.39 -14.07
C SER A 102 -5.94 3.69 -15.09
N HIS A 103 -4.62 3.70 -14.89
CA HIS A 103 -3.72 3.07 -15.83
C HIS A 103 -3.17 1.73 -15.33
N LEU A 104 -3.33 1.43 -14.05
CA LEU A 104 -2.93 0.10 -13.56
C LEU A 104 -3.81 -1.00 -14.12
N GLY A 105 -5.10 -0.75 -14.24
CA GLY A 105 -6.01 -1.82 -14.52
C GLY A 105 -6.37 -2.58 -13.26
N GLN A 106 -7.10 -3.66 -13.47
CA GLN A 106 -7.66 -4.44 -12.38
C GLN A 106 -6.75 -5.61 -12.10
N HIS A 107 -6.61 -5.92 -10.82
CA HIS A 107 -5.86 -7.07 -10.34
C HIS A 107 -6.44 -7.47 -9.00
N GLU A 108 -6.50 -8.79 -8.77
CA GLU A 108 -7.14 -9.30 -7.56
C GLU A 108 -6.47 -8.79 -6.31
N ASN A 109 -5.15 -8.62 -6.32
CA ASN A 109 -4.41 -8.32 -5.11
C ASN A 109 -4.02 -6.84 -4.99
N ILE A 110 -4.80 -5.94 -5.56
CA ILE A 110 -4.67 -4.52 -5.28
C ILE A 110 -6.07 -3.97 -5.01
N VAL A 111 -6.12 -2.78 -4.41
CA VAL A 111 -7.40 -2.08 -4.21
C VAL A 111 -7.70 -1.35 -5.51
N ASN A 112 -8.65 -1.90 -6.29
CA ASN A 112 -8.90 -1.50 -7.67
C ASN A 112 -9.79 -0.27 -7.77
N LEU A 113 -9.48 0.55 -8.77
CA LEU A 113 -10.33 1.67 -9.12
C LEU A 113 -11.63 1.15 -9.72
N LEU A 114 -12.77 1.66 -9.26
CA LEU A 114 -14.04 1.29 -9.88
C LEU A 114 -14.71 2.43 -10.67
N GLY A 115 -14.30 3.68 -10.48
CA GLY A 115 -14.95 4.79 -11.12
C GLY A 115 -14.52 6.11 -10.49
N ALA A 116 -15.03 7.20 -11.05
CA ALA A 116 -14.64 8.52 -10.55
C ALA A 116 -15.65 9.58 -11.01
N CYS A 117 -15.82 10.61 -10.20
CA CYS A 117 -16.60 11.79 -10.59
C CYS A 117 -15.63 12.96 -10.64
N THR A 118 -15.32 13.44 -11.86
CA THR A 118 -14.41 14.58 -12.00
C THR A 118 -15.09 15.84 -12.54
N HIS A 119 -16.39 15.80 -12.81
CA HIS A 119 -17.12 16.95 -13.30
C HIS A 119 -18.29 17.24 -12.36
N GLY A 120 -18.79 18.46 -12.43
CA GLY A 120 -19.98 18.80 -11.67
C GLY A 120 -19.79 18.86 -10.18
N GLY A 121 -18.54 18.92 -9.71
CA GLY A 121 -18.27 18.90 -8.29
C GLY A 121 -16.85 18.49 -8.01
N PRO A 122 -16.52 18.34 -6.73
CA PRO A 122 -15.18 17.89 -6.33
C PRO A 122 -14.83 16.51 -6.87
N VAL A 123 -13.51 16.21 -6.95
CA VAL A 123 -13.07 14.93 -7.47
C VAL A 123 -13.38 13.85 -6.47
N LEU A 124 -14.02 12.78 -6.94
CA LEU A 124 -14.30 11.59 -6.16
C LEU A 124 -13.66 10.40 -6.85
N VAL A 125 -12.90 9.60 -6.10
CA VAL A 125 -12.23 8.42 -6.63
C VAL A 125 -12.90 7.21 -6.00
N ILE A 126 -13.57 6.40 -6.81
CA ILE A 126 -14.41 5.30 -6.32
C ILE A 126 -13.62 4.01 -6.45
N THR A 127 -13.40 3.33 -5.32
CA THR A 127 -12.58 2.11 -5.28
C THR A 127 -13.34 0.99 -4.58
N GLU A 128 -12.80 -0.23 -4.70
CA GLU A 128 -13.37 -1.36 -3.97
C GLU A 128 -13.35 -1.08 -2.47
N TYR A 129 -14.35 -1.62 -1.79
CA TYR A 129 -14.42 -1.57 -0.33
C TYR A 129 -13.96 -2.93 0.21
N CYS A 130 -12.99 -2.90 1.14
CA CYS A 130 -12.43 -4.12 1.72
C CYS A 130 -12.93 -4.24 3.17
N CYS A 131 -13.85 -5.17 3.39
CA CYS A 131 -14.70 -5.11 4.57
C CYS A 131 -13.91 -5.38 5.86
N TYR A 132 -12.90 -6.25 5.80
CA TYR A 132 -12.11 -6.65 6.96
C TYR A 132 -11.05 -5.63 7.38
N GLY A 133 -10.85 -4.54 6.65
CA GLY A 133 -9.90 -3.55 7.12
C GLY A 133 -8.46 -3.92 6.79
N ASP A 134 -7.54 -3.22 7.47
CA ASP A 134 -6.13 -3.26 7.12
C ASP A 134 -5.42 -4.44 7.80
N LEU A 135 -4.40 -4.98 7.10
CA LEU A 135 -3.73 -6.19 7.56
C LEU A 135 -3.17 -6.03 8.97
N LEU A 136 -2.60 -4.86 9.27
CA LEU A 136 -1.88 -4.68 10.54
C LEU A 136 -2.80 -4.86 11.74
N ASN A 137 -3.93 -4.17 11.75
CA ASN A 137 -4.88 -4.35 12.86
C ASN A 137 -5.45 -5.75 12.87
N PHE A 138 -5.59 -6.39 11.71
CA PHE A 138 -6.04 -7.78 11.71
C PHE A 138 -5.07 -8.67 12.46
N LEU A 139 -3.77 -8.53 12.18
CA LEU A 139 -2.81 -9.37 12.88
C LEU A 139 -2.80 -9.06 14.37
N ARG A 140 -2.92 -7.78 14.74
CA ARG A 140 -2.94 -7.38 16.14
C ARG A 140 -4.22 -7.86 16.85
N ARG A 141 -5.38 -7.76 16.18
CA ARG A 141 -6.61 -8.27 16.76
C ARG A 141 -6.51 -9.76 17.05
N LYS A 142 -5.60 -10.46 16.38
CA LYS A 142 -5.42 -11.88 16.59
C LYS A 142 -4.14 -12.14 17.38
N GLN A 160 -8.86 -18.19 14.96
CA GLN A 160 -7.44 -17.81 15.06
C GLN A 160 -6.68 -18.07 13.76
N LEU A 161 -5.58 -17.34 13.57
CA LEU A 161 -4.80 -17.43 12.34
C LEU A 161 -4.16 -18.81 12.23
N SER A 162 -3.46 -19.04 11.12
CA SER A 162 -2.68 -20.25 10.92
C SER A 162 -1.45 -19.93 10.07
N SER A 163 -0.53 -20.89 10.04
CA SER A 163 0.69 -20.76 9.27
C SER A 163 0.39 -20.67 7.78
N ARG A 164 -0.60 -21.41 7.31
CA ARG A 164 -1.08 -21.27 5.94
C ARG A 164 -1.68 -19.88 5.68
N ASP A 165 -2.33 -19.28 6.69
CA ASP A 165 -2.93 -17.97 6.49
C ASP A 165 -1.87 -16.89 6.29
N LEU A 166 -0.76 -16.93 7.04
CA LEU A 166 0.31 -15.95 6.83
C LEU A 166 0.99 -16.13 5.47
N LEU A 167 1.22 -17.37 5.02
CA LEU A 167 1.83 -17.55 3.71
C LEU A 167 0.91 -17.04 2.60
N HIS A 168 -0.41 -17.21 2.77
CA HIS A 168 -1.33 -16.69 1.77
C HIS A 168 -1.27 -15.17 1.71
N PHE A 169 -1.24 -14.52 2.88
CA PHE A 169 -1.16 -13.07 2.88
C PHE A 169 0.11 -12.63 2.17
N SER A 170 1.23 -13.31 2.46
CA SER A 170 2.52 -12.94 1.89
C SER A 170 2.52 -13.09 0.38
N SER A 171 1.93 -14.18 -0.12
CA SER A 171 1.88 -14.45 -1.55
C SER A 171 0.95 -13.48 -2.27
N GLN A 172 -0.25 -13.24 -1.72
CA GLN A 172 -1.17 -12.30 -2.37
C GLN A 172 -0.57 -10.89 -2.44
N VAL A 173 0.03 -10.40 -1.35
CA VAL A 173 0.71 -9.10 -1.46
C VAL A 173 1.78 -9.16 -2.54
N ALA A 174 2.57 -10.25 -2.57
CA ALA A 174 3.63 -10.35 -3.58
C ALA A 174 3.07 -10.31 -5.01
N GLN A 175 1.93 -10.96 -5.25
CA GLN A 175 1.28 -10.86 -6.54
C GLN A 175 0.90 -9.42 -6.88
N GLY A 176 0.38 -8.69 -5.89
CA GLY A 176 -0.05 -7.31 -6.16
C GLY A 176 1.12 -6.43 -6.52
N MET A 177 2.21 -6.57 -5.76
CA MET A 177 3.44 -5.81 -6.02
C MET A 177 4.06 -6.19 -7.35
N ALA A 178 4.04 -7.47 -7.72
CA ALA A 178 4.51 -7.86 -9.05
C ALA A 178 3.70 -7.18 -10.13
N PHE A 179 2.38 -7.04 -9.92
CA PHE A 179 1.54 -6.36 -10.91
C PHE A 179 1.93 -4.88 -11.00
N LEU A 180 2.11 -4.21 -9.85
CA LEU A 180 2.55 -2.82 -9.88
C LEU A 180 3.90 -2.70 -10.54
N ALA A 181 4.85 -3.57 -10.17
CA ALA A 181 6.14 -3.58 -10.84
C ALA A 181 5.97 -3.69 -12.34
N SER A 182 5.13 -4.62 -12.80
CA SER A 182 5.02 -4.84 -14.24
C SER A 182 4.38 -3.65 -14.94
N LYS A 183 3.66 -2.82 -14.20
CA LYS A 183 3.14 -1.57 -14.71
C LYS A 183 4.14 -0.42 -14.61
N ASN A 184 5.35 -0.65 -14.09
CA ASN A 184 6.34 0.42 -13.90
C ASN A 184 5.91 1.41 -12.83
N CYS A 185 5.21 0.94 -11.79
CA CYS A 185 4.65 1.80 -10.77
C CYS A 185 5.37 1.55 -9.44
N ILE A 186 5.92 2.62 -8.85
CA ILE A 186 6.69 2.52 -7.60
C ILE A 186 5.75 2.90 -6.48
N HIS A 187 5.49 1.96 -5.59
CA HIS A 187 4.49 2.16 -4.53
C HIS A 187 4.96 3.20 -3.52
N ARG A 188 6.12 2.95 -2.91
CA ARG A 188 6.85 3.86 -2.03
C ARG A 188 6.35 3.84 -0.58
N ASP A 189 5.27 3.15 -0.24
CA ASP A 189 4.82 3.03 1.17
C ASP A 189 4.34 1.60 1.46
N VAL A 190 5.11 0.61 1.01
CA VAL A 190 4.73 -0.79 1.24
C VAL A 190 4.82 -1.10 2.75
N ALA A 191 3.73 -1.59 3.32
CA ALA A 191 3.66 -1.83 4.75
C ALA A 191 2.31 -2.45 5.01
N ALA A 192 2.20 -3.14 6.16
CA ALA A 192 0.97 -3.84 6.50
C ALA A 192 -0.20 -2.88 6.67
N ARG A 193 0.05 -1.64 7.13
CA ARG A 193 -1.03 -0.68 7.29
C ARG A 193 -1.64 -0.25 5.96
N ASN A 194 -0.97 -0.54 4.84
CA ASN A 194 -1.50 -0.24 3.52
C ASN A 194 -2.00 -1.49 2.78
N VAL A 195 -2.06 -2.63 3.44
CA VAL A 195 -2.67 -3.85 2.89
C VAL A 195 -4.06 -3.99 3.50
N LEU A 196 -5.05 -4.22 2.64
CA LEU A 196 -6.43 -4.43 3.06
C LEU A 196 -6.84 -5.88 2.83
N LEU A 197 -7.79 -6.35 3.64
CA LEU A 197 -8.36 -7.68 3.49
C LEU A 197 -9.82 -7.51 3.13
N THR A 198 -10.23 -8.20 2.08
CA THR A 198 -11.61 -8.16 1.61
C THR A 198 -12.17 -9.57 1.71
N ASN A 199 -13.36 -9.78 1.14
CA ASN A 199 -14.04 -11.07 1.24
C ASN A 199 -13.05 -12.22 1.00
N GLY A 200 -13.27 -13.33 1.73
CA GLY A 200 -12.33 -14.44 1.76
C GLY A 200 -11.04 -14.13 2.48
N HIS A 201 -10.94 -12.96 3.11
CA HIS A 201 -9.71 -12.49 3.73
C HIS A 201 -8.55 -12.51 2.72
N VAL A 202 -8.89 -12.14 1.49
CA VAL A 202 -7.92 -11.95 0.42
C VAL A 202 -7.26 -10.60 0.60
N ALA A 203 -5.94 -10.58 0.48
CA ALA A 203 -5.17 -9.36 0.72
C ALA A 203 -5.04 -8.56 -0.55
N LYS A 204 -5.15 -7.24 -0.42
CA LYS A 204 -4.97 -6.30 -1.51
C LYS A 204 -4.03 -5.20 -1.03
N ILE A 205 -3.01 -4.93 -1.82
CA ILE A 205 -2.13 -3.79 -1.53
C ILE A 205 -2.80 -2.51 -2.04
N GLY A 206 -2.77 -1.46 -1.25
CA GLY A 206 -3.22 -0.17 -1.72
C GLY A 206 -2.45 0.95 -1.09
N ASP A 207 -3.03 2.14 -1.05
CA ASP A 207 -2.38 3.28 -0.41
C ASP A 207 -3.45 4.31 -0.07
N PHE A 208 -3.52 4.70 1.21
CA PHE A 208 -4.48 5.71 1.62
C PHE A 208 -4.09 7.08 1.06
N GLY A 209 -2.80 7.31 0.80
CA GLY A 209 -2.44 8.56 0.14
C GLY A 209 -2.88 9.75 0.96
N LEU A 210 -3.62 10.66 0.33
CA LEU A 210 -4.08 11.86 1.02
C LEU A 210 -4.98 11.54 2.18
N ALA A 211 -5.54 10.34 2.23
CA ALA A 211 -6.46 10.00 3.28
C ALA A 211 -5.80 9.39 4.51
N ARG A 212 -4.45 9.34 4.58
CA ARG A 212 -3.75 8.87 5.78
C ARG A 212 -3.30 10.06 6.65
N ASP A 213 -3.67 10.04 7.93
CA ASP A 213 -3.22 11.03 8.90
C ASP A 213 -1.73 10.81 9.22
N ILE A 214 -0.87 11.29 8.31
CA ILE A 214 0.58 11.12 8.43
C ILE A 214 1.20 12.08 9.46
N MET A 215 0.65 13.29 9.61
CA MET A 215 1.23 14.29 10.50
C MET A 215 1.24 13.83 11.96
N ASN A 216 0.31 12.94 12.33
CA ASN A 216 0.13 12.53 13.70
C ASN A 216 0.49 11.07 13.93
N ASP A 217 1.19 10.45 13.00
CA ASP A 217 1.58 9.04 13.11
C ASP A 217 3.09 8.97 13.32
N SER A 218 3.51 8.50 14.50
CA SER A 218 4.93 8.49 14.86
C SER A 218 5.75 7.59 13.97
N ASN A 219 5.11 6.70 13.21
CA ASN A 219 5.84 5.90 12.23
C ASN A 219 6.34 6.72 11.05
N TYR A 220 5.83 7.95 10.85
CA TYR A 220 6.29 8.83 9.79
C TYR A 220 7.19 9.89 10.40
N ILE A 221 8.50 9.76 10.17
CA ILE A 221 9.52 10.53 10.87
C ILE A 221 9.74 11.86 10.18
N VAL A 222 9.89 12.91 10.98
CA VAL A 222 10.26 14.22 10.42
C VAL A 222 11.66 14.09 9.84
N LYS A 223 11.82 14.46 8.57
CA LYS A 223 13.13 14.45 7.91
C LYS A 223 13.10 15.59 6.91
N GLY A 224 13.73 16.71 7.26
CA GLY A 224 13.64 17.87 6.38
C GLY A 224 12.20 18.36 6.29
N ASN A 225 11.68 18.50 5.06
CA ASN A 225 10.32 18.97 4.84
C ASN A 225 9.36 17.83 4.51
N ALA A 226 9.65 16.62 5.01
CA ALA A 226 8.88 15.45 4.66
C ALA A 226 8.65 14.59 5.90
N ARG A 227 7.58 13.78 5.82
CA ARG A 227 7.23 12.77 6.82
C ARG A 227 7.38 11.41 6.14
N LEU A 228 8.36 10.60 6.58
CA LEU A 228 8.74 9.41 5.84
C LEU A 228 8.67 8.19 6.74
N PRO A 229 8.16 7.06 6.23
CA PRO A 229 8.08 5.79 6.99
C PRO A 229 9.45 5.13 7.09
N VAL A 230 10.36 5.78 7.84
CA VAL A 230 11.77 5.46 7.75
C VAL A 230 12.03 3.97 8.07
N LYS A 231 11.28 3.41 9.01
CA LYS A 231 11.57 2.04 9.46
C LYS A 231 11.27 1.00 8.38
N TRP A 232 10.53 1.38 7.33
CA TRP A 232 10.17 0.50 6.23
C TRP A 232 11.04 0.70 5.01
N MET A 233 11.96 1.64 5.05
CA MET A 233 12.51 2.23 3.84
C MET A 233 13.87 1.63 3.54
N ALA A 234 14.16 1.42 2.25
CA ALA A 234 15.50 1.02 1.90
C ALA A 234 16.48 2.14 2.23
N PRO A 235 17.70 1.79 2.62
CA PRO A 235 18.72 2.83 2.91
C PRO A 235 18.99 3.75 1.74
N GLU A 236 19.04 3.24 0.51
CA GLU A 236 19.28 4.13 -0.63
C GLU A 236 18.15 5.13 -0.77
N SER A 237 16.99 4.80 -0.23
CA SER A 237 15.84 5.68 -0.36
C SER A 237 15.81 6.69 0.78
N ILE A 238 16.19 6.29 1.99
CA ILE A 238 16.27 7.27 3.08
C ILE A 238 17.32 8.32 2.75
N PHE A 239 18.50 7.86 2.34
CA PHE A 239 19.64 8.74 2.20
C PHE A 239 19.57 9.51 0.89
N ASP A 240 19.44 8.80 -0.23
CA ASP A 240 19.46 9.42 -1.55
C ASP A 240 18.08 9.79 -2.05
N CYS A 241 17.01 9.51 -1.32
CA CYS A 241 15.68 9.75 -1.86
C CYS A 241 15.51 9.04 -3.19
N VAL A 242 16.20 7.91 -3.36
CA VAL A 242 16.07 7.05 -4.51
C VAL A 242 14.93 6.04 -4.27
N TYR A 243 13.95 6.02 -5.17
CA TYR A 243 12.81 5.11 -5.07
C TYR A 243 12.68 4.30 -6.35
N THR A 244 12.82 2.98 -6.24
CA THR A 244 12.71 2.05 -7.35
C THR A 244 11.80 0.89 -6.95
N VAL A 245 11.65 -0.03 -7.90
CA VAL A 245 11.02 -1.31 -7.59
C VAL A 245 11.84 -2.05 -6.52
N GLN A 246 13.17 -2.03 -6.64
CA GLN A 246 14.01 -2.72 -5.68
C GLN A 246 13.87 -2.11 -4.28
N SER A 247 13.56 -0.81 -4.18
CA SER A 247 13.34 -0.30 -2.83
C SER A 247 11.97 -0.72 -2.29
N ASP A 248 10.96 -0.86 -3.16
CA ASP A 248 9.72 -1.50 -2.72
C ASP A 248 9.98 -2.92 -2.23
N VAL A 249 10.95 -3.62 -2.82
CA VAL A 249 11.22 -4.98 -2.40
C VAL A 249 11.76 -4.99 -0.96
N TRP A 250 12.64 -4.05 -0.63
CA TRP A 250 13.09 -3.91 0.75
C TRP A 250 11.90 -3.72 1.69
N SER A 251 11.00 -2.82 1.33
CA SER A 251 9.85 -2.54 2.20
C SER A 251 8.97 -3.77 2.33
N TYR A 252 8.85 -4.55 1.24
CA TYR A 252 8.11 -5.80 1.29
C TYR A 252 8.76 -6.80 2.27
N GLY A 253 10.09 -6.81 2.36
CA GLY A 253 10.74 -7.61 3.40
C GLY A 253 10.33 -7.16 4.79
N ILE A 254 10.28 -5.83 5.02
CA ILE A 254 9.82 -5.36 6.34
C ILE A 254 8.39 -5.83 6.57
N LEU A 255 7.55 -5.78 5.50
CA LEU A 255 6.18 -6.24 5.60
C LEU A 255 6.11 -7.72 5.92
N LEU A 256 7.01 -8.53 5.34
CA LEU A 256 7.05 -9.95 5.71
C LEU A 256 7.33 -10.09 7.20
N TRP A 257 8.25 -9.27 7.74
CA TRP A 257 8.53 -9.33 9.18
C TRP A 257 7.29 -8.99 9.99
N GLU A 258 6.52 -7.97 9.57
CA GLU A 258 5.27 -7.64 10.27
C GLU A 258 4.32 -8.81 10.28
N ILE A 259 4.15 -9.46 9.13
CA ILE A 259 3.18 -10.55 9.04
C ILE A 259 3.55 -11.67 10.00
N PHE A 260 4.81 -12.08 10.00
CA PHE A 260 5.18 -13.27 10.74
C PHE A 260 5.56 -12.94 12.18
N SER A 261 5.58 -11.66 12.55
CA SER A 261 5.54 -11.29 13.96
C SER A 261 4.12 -11.03 14.45
N LEU A 262 3.10 -11.19 13.59
CA LEU A 262 1.73 -10.79 13.96
C LEU A 262 1.66 -9.34 14.40
N GLY A 263 2.34 -8.46 13.67
CA GLY A 263 2.07 -7.05 13.78
C GLY A 263 2.86 -6.31 14.83
N LEU A 264 4.03 -6.80 15.20
CA LEU A 264 4.94 -6.00 16.00
C LEU A 264 5.41 -4.81 15.20
N ASN A 265 5.76 -3.74 15.89
CA ASN A 265 6.41 -2.61 15.23
C ASN A 265 7.86 -2.98 14.87
N PRO A 266 8.29 -2.68 13.64
CA PRO A 266 9.65 -3.09 13.20
C PRO A 266 10.71 -2.49 14.12
N TYR A 267 11.83 -3.18 14.23
CA TYR A 267 12.95 -2.75 15.05
C TYR A 267 12.46 -2.44 16.47
N PRO A 268 11.88 -3.44 17.16
CA PRO A 268 11.23 -3.17 18.45
C PRO A 268 12.18 -2.54 19.43
N GLY A 269 11.70 -1.48 20.08
CA GLY A 269 12.48 -0.75 21.08
C GLY A 269 13.57 0.17 20.54
N ILE A 270 13.74 0.26 19.22
CA ILE A 270 14.86 1.01 18.66
C ILE A 270 14.31 2.31 18.09
N LEU A 271 14.72 3.43 18.65
CA LEU A 271 14.19 4.71 18.19
C LEU A 271 14.88 5.13 16.92
N VAL A 272 14.12 5.82 16.05
CA VAL A 272 14.68 6.34 14.80
C VAL A 272 15.53 7.57 15.09
N ASN A 273 16.84 7.45 14.96
CA ASN A 273 17.75 8.58 15.10
C ASN A 273 19.01 8.26 14.30
N SER A 274 20.04 9.10 14.43
CA SER A 274 21.27 8.88 13.67
C SER A 274 21.80 7.47 13.87
N LYS A 275 21.77 6.96 15.10
CA LYS A 275 22.31 5.63 15.36
C LYS A 275 21.54 4.56 14.58
N PHE A 276 20.21 4.66 14.52
CA PHE A 276 19.46 3.71 13.74
C PHE A 276 19.87 3.77 12.27
N TYR A 277 20.06 4.99 11.75
CA TYR A 277 20.52 5.13 10.37
C TYR A 277 21.85 4.43 10.18
N LYS A 278 22.80 4.61 11.12
CA LYS A 278 24.08 3.92 11.01
C LYS A 278 23.91 2.41 11.06
N LEU A 279 22.92 1.93 11.82
CA LEU A 279 22.67 0.50 11.91
C LEU A 279 22.20 -0.05 10.57
N VAL A 280 21.20 0.59 9.97
CA VAL A 280 20.70 0.05 8.72
C VAL A 280 21.80 0.12 7.64
N LYS A 281 22.55 1.22 7.59
CA LYS A 281 23.60 1.33 6.58
C LYS A 281 24.68 0.29 6.80
N ASP A 282 24.99 -0.03 8.06
CA ASP A 282 26.02 -1.04 8.31
C ASP A 282 25.54 -2.46 8.08
N GLY A 283 24.26 -2.66 7.79
CA GLY A 283 23.77 -3.99 7.52
C GLY A 283 23.08 -4.67 8.67
N TYR A 284 22.66 -3.94 9.70
CA TYR A 284 21.86 -4.55 10.74
C TYR A 284 20.53 -5.04 10.18
N GLN A 285 20.13 -6.24 10.60
CA GLN A 285 18.85 -6.84 10.21
C GLN A 285 18.09 -7.34 11.43
N MET A 286 16.79 -7.10 11.46
CA MET A 286 15.97 -7.63 12.52
C MET A 286 16.12 -9.14 12.54
N ALA A 287 16.00 -9.71 13.75
CA ALA A 287 16.00 -11.15 13.95
C ALA A 287 14.75 -11.76 13.34
N GLN A 288 14.78 -13.07 13.16
CA GLN A 288 13.69 -13.80 12.55
C GLN A 288 12.44 -13.73 13.46
N PRO A 289 11.26 -13.44 12.92
CA PRO A 289 10.04 -13.50 13.74
C PRO A 289 9.77 -14.92 14.20
N ALA A 290 9.08 -15.03 15.34
CA ALA A 290 8.91 -16.31 16.01
C ALA A 290 8.16 -17.30 15.14
N PHE A 291 7.15 -16.81 14.41
CA PHE A 291 6.30 -17.64 13.57
C PHE A 291 6.79 -17.74 12.14
N ALA A 292 7.97 -17.18 11.83
CA ALA A 292 8.52 -17.23 10.48
C ALA A 292 9.29 -18.53 10.31
N PRO A 293 8.92 -19.40 9.37
CA PRO A 293 9.78 -20.54 9.02
C PRO A 293 11.07 -20.04 8.38
N LYS A 294 12.15 -20.77 8.64
CA LYS A 294 13.46 -20.34 8.18
C LYS A 294 13.42 -19.88 6.72
N ASN A 295 12.61 -20.55 5.90
CA ASN A 295 12.53 -20.24 4.47
C ASN A 295 11.98 -18.84 4.24
N ILE A 296 11.00 -18.43 5.04
CA ILE A 296 10.48 -17.08 4.89
C ILE A 296 11.52 -16.06 5.34
N TYR A 297 12.22 -16.34 6.44
CA TYR A 297 13.23 -15.40 6.93
C TYR A 297 14.31 -15.18 5.88
N SER A 298 14.72 -16.26 5.20
CA SER A 298 15.68 -16.11 4.10
C SER A 298 15.17 -15.15 3.03
N ILE A 299 13.87 -15.18 2.75
CA ILE A 299 13.30 -14.18 1.83
C ILE A 299 13.51 -12.77 2.39
N MET A 300 13.23 -12.56 3.69
CA MET A 300 13.37 -11.19 4.21
C MET A 300 14.81 -10.72 4.10
N GLN A 301 15.76 -11.57 4.46
CA GLN A 301 17.17 -11.22 4.34
C GLN A 301 17.55 -10.87 2.92
N ALA A 302 17.04 -11.63 1.93
CA ALA A 302 17.36 -11.32 0.55
C ALA A 302 16.80 -9.95 0.19
N CYS A 303 15.61 -9.65 0.71
CA CYS A 303 15.00 -8.33 0.51
C CYS A 303 15.81 -7.20 1.14
N TRP A 304 16.59 -7.48 2.18
CA TRP A 304 17.38 -6.48 2.90
C TRP A 304 18.85 -6.42 2.41
N ALA A 305 19.16 -7.04 1.27
CA ALA A 305 20.49 -6.84 0.71
C ALA A 305 20.76 -5.35 0.57
N LEU A 306 21.94 -4.91 1.04
CA LEU A 306 22.29 -3.51 0.95
C LEU A 306 22.39 -3.04 -0.51
N GLU A 307 22.73 -3.94 -1.43
CA GLU A 307 22.86 -3.58 -2.85
C GLU A 307 21.54 -3.83 -3.58
N PRO A 308 20.86 -2.79 -4.07
CA PRO A 308 19.48 -3.00 -4.55
C PRO A 308 19.38 -4.03 -5.66
N THR A 309 20.42 -4.16 -6.52
CA THR A 309 20.40 -5.18 -7.56
C THR A 309 20.50 -6.60 -7.00
N HIS A 310 20.94 -6.76 -5.75
CA HIS A 310 21.07 -8.10 -5.18
C HIS A 310 19.79 -8.60 -4.52
N ARG A 311 18.81 -7.74 -4.31
CA ARG A 311 17.50 -8.17 -3.84
C ARG A 311 16.77 -8.94 -4.94
N PRO A 312 15.84 -9.78 -4.58
CA PRO A 312 15.03 -10.46 -5.60
C PRO A 312 13.94 -9.55 -6.17
N THR A 313 13.41 -9.94 -7.33
CA THR A 313 12.25 -9.28 -7.89
C THR A 313 10.98 -9.82 -7.26
N PHE A 314 9.88 -9.08 -7.46
CA PHE A 314 8.60 -9.55 -6.91
C PHE A 314 8.18 -10.88 -7.53
N GLN A 315 8.41 -11.07 -8.83
CA GLN A 315 8.06 -12.34 -9.45
C GLN A 315 8.85 -13.51 -8.86
N GLN A 316 10.13 -13.27 -8.51
CA GLN A 316 10.90 -14.33 -7.88
C GLN A 316 10.31 -14.69 -6.52
N ILE A 317 9.82 -13.69 -5.80
CA ILE A 317 9.18 -13.94 -4.52
C ILE A 317 7.87 -14.70 -4.71
N CYS A 318 7.11 -14.37 -5.75
CA CYS A 318 5.86 -15.10 -6.01
C CYS A 318 6.16 -16.57 -6.26
N SER A 319 7.13 -16.84 -7.13
CA SER A 319 7.43 -18.21 -7.49
C SER A 319 7.92 -18.99 -6.27
N PHE A 320 8.80 -18.39 -5.47
CA PHE A 320 9.28 -19.08 -4.29
C PHE A 320 8.14 -19.30 -3.29
N LEU A 321 7.34 -18.26 -3.03
CA LEU A 321 6.14 -18.46 -2.21
C LEU A 321 5.24 -19.53 -2.81
N GLN A 322 5.16 -19.58 -4.15
CA GLN A 322 4.37 -20.57 -4.87
C GLN A 322 4.90 -22.00 -4.63
N GLU A 323 6.22 -22.20 -4.80
CA GLU A 323 6.77 -23.53 -4.57
C GLU A 323 6.58 -23.95 -3.13
N GLN A 324 6.71 -23.00 -2.20
CA GLN A 324 6.56 -23.34 -0.80
C GLN A 324 5.20 -23.93 -0.46
N ALA A 325 4.26 -23.94 -1.41
CA ALA A 325 2.93 -24.49 -1.17
C ALA A 325 2.73 -25.82 -1.89
N1 A1AE3 B . -12.34 -1.01 7.05
N3 A1AE3 B . -10.71 1.70 1.57
C4 A1AE3 B . -15.36 -2.49 8.13
C5 A1AE3 B . -15.31 -0.49 7.70
C6 A1AE3 B . -13.32 -1.83 6.34
C7 A1AE3 B . -11.15 0.21 5.27
C8 A1AE3 B . -10.57 1.49 5.08
C10 A1AE3 B . -11.40 0.08 2.92
C13 A1AE3 B . -10.15 2.95 1.05
C15 A1AE3 B . -9.11 3.11 -1.25
C17 A1AE3 B . -6.86 2.40 -1.67
C20 A1AE3 B . -3.59 3.28 -4.34
C21 A1AE3 B . -2.02 2.04 -5.44
C22 A1AE3 B . 0.03 0.82 -5.65
C24 A1AE3 B . -4.16 1.09 -5.07
C26 A1AE3 B . -5.47 0.89 1.33
C1 A1AE3 B . -11.29 -0.24 6.68
C11 A1AE3 B . -10.79 1.34 2.88
C12 A1AE3 B . -11.26 0.66 0.86
C14 A1AE3 B . -9.01 2.74 0.08
C16 A1AE3 B . -8.05 2.94 -2.13
C18 A1AE3 B . -5.88 2.49 -3.84
C19 A1AE3 B . -4.53 2.27 -4.43
C2 A1AE3 B . -12.89 -1.29 8.38
C23 A1AE3 B . -2.89 0.95 -5.57
C25 A1AE3 B . -6.74 2.03 -0.31
C27 A1AE3 B . -7.81 2.21 0.55
C3 A1AE3 B . -14.21 -1.58 7.61
C9 A1AE3 B . -11.59 -0.51 4.16
N2 A1AE3 B . -10.38 2.05 3.91
N4 A1AE3 B . -11.68 -0.33 1.62
N5 A1AE3 B . -2.35 3.17 -4.86
O1 A1AE3 B . -10.50 0.16 7.53
O2 A1AE3 B . -15.73 -1.27 8.85
O3 A1AE3 B . -5.77 2.17 -2.45
O4 A1AE3 B . -0.75 1.98 -5.95
O5 A1AE3 B . -5.53 1.50 0.05
C1 GOL C . -7.78 -16.25 6.29
O1 GOL C . -7.57 -17.09 5.16
C2 GOL C . -9.00 -16.84 7.08
O2 GOL C . -8.64 -17.97 7.81
C3 GOL C . -9.56 -15.71 7.99
O3 GOL C . -9.17 -15.98 9.31
H11 GOL C . -7.98 -15.33 6.05
H12 GOL C . -7.01 -16.21 6.89
HO1 GOL C . -8.33 -17.15 4.75
H2 GOL C . -9.68 -17.11 6.43
HO2 GOL C . -8.48 -17.73 8.62
H31 GOL C . -10.52 -15.68 7.88
H32 GOL C . -9.24 -14.85 7.66
HO3 GOL C . -9.85 -16.31 9.71
S SO4 D . 2.52 1.11 16.37
O1 SO4 D . 1.77 1.00 17.63
O2 SO4 D . 1.59 1.00 15.25
O3 SO4 D . 3.25 2.39 16.35
O4 SO4 D . 3.49 0.00 16.26
S SO4 E . 19.93 12.09 17.31
O1 SO4 E . 19.39 11.27 18.42
O2 SO4 E . 19.04 12.04 16.14
O3 SO4 E . 21.22 11.56 16.88
O4 SO4 E . 20.05 13.48 17.73
#